data_1FCX
#
_entry.id   1FCX
#
_cell.length_a   59.887
_cell.length_b   59.887
_cell.length_c   155.176
_cell.angle_alpha   90.00
_cell.angle_beta   90.00
_cell.angle_gamma   90.00
#
_symmetry.space_group_name_H-M   'P 41 21 2'
#
loop_
_entity.id
_entity.type
_entity.pdbx_description
1 polymer 'RETINOIC ACID RECEPTOR GAMMA-1'
2 non-polymer '6-[HYDROXY-(5,5,8,8-TETRAMETHYL-5,6,7,8-TETRAHYDRO-NAPHTALEN-2-YL)-METHYL]-NAPHTALENE-2-CARBOXYLIC ACID'
3 non-polymer DODECYL-ALPHA-D-MALTOSIDE
4 water water
#
_entity_poly.entity_id   1
_entity_poly.type   'polypeptide(L)'
_entity_poly.pdbx_seq_one_letter_code
;SPQLEELITKVSKAHQETFPSLCQLGKYTTNSSADHRVQLDLGLWDKFSELATKCIIKIVEFAKRLPGFTGLSIADQITL
LKAACLDILMLRICTRYTPEQDTMTFSDGLTLNRTQMHNAGFGPLTDLVFAFAGQLLPLEMDDTETGLLSAICLICGDRM
DLEEPEKVDKLQEPLLEALRLYARRRRPSQPYMFPRMLMKITDLRGISTKGAERAITLKMEIPGPMPPLIREMLE
;
_entity_poly.pdbx_strand_id   A
#
loop_
_chem_comp.id
_chem_comp.type
_chem_comp.name
_chem_comp.formula
184 non-polymer '6-[HYDROXY-(5,5,8,8-TETRAMETHYL-5,6,7,8-TETRAHYDRO-NAPHTALEN-2-YL)-METHYL]-NAPHTALENE-2-CARBOXYLIC ACID' 'C26 H28 O3'
LMU D-saccharide DODECYL-ALPHA-D-MALTOSIDE 'C24 H46 O11'
#
# COMPACT_ATOMS: atom_id res chain seq x y z
N SER A 1 26.22 2.53 11.29
CA SER A 1 26.09 3.27 10.02
C SER A 1 26.30 2.29 8.86
N PRO A 2 27.31 1.47 8.70
CA PRO A 2 27.31 0.47 7.61
C PRO A 2 26.08 -0.43 7.64
N GLN A 3 25.65 -0.88 8.83
CA GLN A 3 24.50 -1.72 8.99
C GLN A 3 23.23 -0.98 8.59
N LEU A 4 23.15 0.31 8.89
CA LEU A 4 21.96 1.03 8.41
C LEU A 4 21.93 1.18 6.92
N GLU A 5 23.09 1.36 6.29
CA GLU A 5 23.11 1.43 4.82
C GLU A 5 22.70 0.12 4.21
N GLU A 6 23.12 -0.99 4.82
CA GLU A 6 22.68 -2.29 4.28
C GLU A 6 21.19 -2.50 4.45
N LEU A 7 20.63 -1.97 5.57
CA LEU A 7 19.20 -2.13 5.73
C LEU A 7 18.43 -1.35 4.67
N ILE A 8 18.91 -0.12 4.37
CA ILE A 8 18.26 0.67 3.31
C ILE A 8 18.30 -0.11 2.00
N THR A 9 19.42 -0.66 1.62
CA THR A 9 19.59 -1.43 0.37
C THR A 9 18.64 -2.61 0.37
N LYS A 10 18.60 -3.32 1.51
CA LYS A 10 17.75 -4.53 1.57
C LYS A 10 16.26 -4.20 1.43
N VAL A 11 15.81 -3.14 2.11
CA VAL A 11 14.40 -2.77 2.04
C VAL A 11 14.06 -2.24 0.65
N SER A 12 14.93 -1.44 0.06
CA SER A 12 14.74 -0.90 -1.27
C SER A 12 14.59 -2.04 -2.28
N LYS A 13 15.45 -3.01 -2.21
CA LYS A 13 15.41 -4.17 -3.15
C LYS A 13 14.16 -4.98 -2.94
N ALA A 14 13.79 -5.19 -1.67
CA ALA A 14 12.57 -5.97 -1.41
C ALA A 14 11.32 -5.32 -1.97
N HIS A 15 11.27 -4.01 -1.83
CA HIS A 15 10.12 -3.29 -2.41
C HIS A 15 10.13 -3.39 -3.92
N GLN A 16 11.27 -3.11 -4.54
CA GLN A 16 11.28 -3.12 -6.00
C GLN A 16 10.96 -4.50 -6.58
N GLU A 17 11.47 -5.52 -5.90
CA GLU A 17 11.24 -6.89 -6.42
C GLU A 17 9.83 -7.40 -6.14
N THR A 18 9.05 -6.69 -5.34
CA THR A 18 7.66 -7.09 -5.10
C THR A 18 6.65 -6.04 -5.58
N PHE A 19 7.11 -4.99 -6.22
CA PHE A 19 6.26 -3.90 -6.64
C PHE A 19 6.91 -3.15 -7.81
N PRO A 20 6.64 -3.53 -9.06
CA PRO A 20 7.19 -2.77 -10.19
C PRO A 20 6.84 -1.29 -10.18
N SER A 21 7.79 -0.50 -10.73
CA SER A 21 7.56 0.93 -10.83
C SER A 21 6.67 1.23 -12.04
N LEU A 22 6.00 2.36 -11.88
CA LEU A 22 5.08 2.83 -12.92
C LEU A 22 5.87 2.86 -14.22
N CYS A 23 7.11 3.37 -14.15
CA CYS A 23 7.89 3.48 -15.38
C CYS A 23 8.19 2.12 -16.02
N GLN A 24 8.10 1.05 -15.27
CA GLN A 24 8.52 -0.26 -15.76
C GLN A 24 7.40 -1.03 -16.44
N LEU A 25 6.17 -0.56 -16.22
CA LEU A 25 5.05 -1.40 -16.64
C LEU A 25 4.54 -1.04 -18.02
N GLY A 26 4.16 -2.09 -18.76
CA GLY A 26 3.53 -1.93 -20.07
C GLY A 26 2.04 -1.72 -19.78
N LYS A 27 1.63 -0.46 -19.93
CA LYS A 27 0.26 -0.07 -19.62
C LYS A 27 -0.71 -0.65 -20.65
N TYR A 28 -1.87 -1.09 -20.19
CA TYR A 28 -2.97 -1.34 -21.14
C TYR A 28 -4.29 -0.88 -20.51
N THR A 29 -5.34 -0.79 -21.33
CA THR A 29 -6.62 -0.28 -20.88
C THR A 29 -7.79 -1.22 -21.12
N THR A 30 -8.95 -0.84 -20.57
CA THR A 30 -10.18 -1.57 -20.84
C THR A 30 -11.28 -0.57 -21.19
N ASN A 31 -12.26 -0.95 -21.99
CA ASN A 31 -13.39 -0.05 -22.27
C ASN A 31 -14.56 -0.36 -21.35
N SER A 32 -14.39 -1.18 -20.31
CA SER A 32 -15.52 -1.45 -19.43
C SER A 32 -15.94 -0.24 -18.63
N SER A 33 -17.19 0.13 -18.70
CA SER A 33 -17.84 1.13 -17.88
C SER A 33 -17.00 2.39 -17.74
N ALA A 34 -16.45 2.85 -18.85
CA ALA A 34 -15.38 3.84 -18.87
C ALA A 34 -15.81 5.29 -18.76
N ASP A 35 -17.07 5.58 -19.04
CA ASP A 35 -17.58 6.92 -19.22
C ASP A 35 -18.61 7.40 -18.19
N HIS A 36 -19.24 6.47 -17.46
CA HIS A 36 -20.24 6.85 -16.44
C HIS A 36 -20.08 6.02 -15.18
N ARG A 37 -20.25 6.61 -14.01
CA ARG A 37 -20.18 5.87 -12.78
C ARG A 37 -21.44 5.02 -12.62
N VAL A 38 -21.26 3.79 -12.22
CA VAL A 38 -22.28 2.85 -11.86
C VAL A 38 -22.02 2.29 -10.47
N GLN A 39 -23.02 1.65 -9.87
CA GLN A 39 -22.81 1.14 -8.52
C GLN A 39 -21.64 0.17 -8.45
N LEU A 40 -21.54 -0.78 -9.38
CA LEU A 40 -20.48 -1.78 -9.46
C LEU A 40 -20.47 -2.45 -10.85
N ASP A 41 -19.33 -2.50 -11.49
CA ASP A 41 -19.15 -3.27 -12.72
C ASP A 41 -18.51 -4.59 -12.33
N LEU A 42 -19.23 -5.69 -12.46
CA LEU A 42 -18.72 -6.94 -11.89
C LEU A 42 -17.50 -7.45 -12.64
N GLY A 43 -17.41 -7.15 -13.94
CA GLY A 43 -16.17 -7.57 -14.59
C GLY A 43 -14.97 -6.79 -14.08
N LEU A 44 -15.13 -5.48 -13.85
CA LEU A 44 -14.03 -4.75 -13.25
C LEU A 44 -13.76 -5.21 -11.82
N TRP A 45 -14.80 -5.48 -11.02
CA TRP A 45 -14.55 -6.03 -9.69
C TRP A 45 -13.78 -7.35 -9.74
N ASP A 46 -14.15 -8.25 -10.66
CA ASP A 46 -13.44 -9.54 -10.69
C ASP A 46 -11.97 -9.32 -10.96
N LYS A 47 -11.64 -8.44 -11.90
CA LYS A 47 -10.24 -8.19 -12.22
C LYS A 47 -9.53 -7.49 -11.08
N PHE A 48 -10.18 -6.47 -10.54
CA PHE A 48 -9.61 -5.69 -9.42
C PHE A 48 -9.27 -6.55 -8.20
N SER A 49 -10.23 -7.41 -7.85
CA SER A 49 -10.07 -8.25 -6.66
C SER A 49 -9.00 -9.28 -6.91
N GLU A 50 -8.90 -9.85 -8.11
CA GLU A 50 -7.79 -10.74 -8.42
C GLU A 50 -6.45 -10.04 -8.29
N LEU A 51 -6.35 -8.79 -8.79
CA LEU A 51 -5.09 -8.04 -8.66
C LEU A 51 -4.81 -7.74 -7.20
N ALA A 52 -5.83 -7.45 -6.40
CA ALA A 52 -5.64 -7.21 -4.96
C ALA A 52 -5.09 -8.47 -4.29
N THR A 53 -5.66 -9.64 -4.58
CA THR A 53 -5.12 -10.89 -4.02
C THR A 53 -3.65 -11.05 -4.36
N LYS A 54 -3.30 -10.85 -5.62
CA LYS A 54 -1.89 -11.05 -5.99
C LYS A 54 -0.98 -10.08 -5.25
N CYS A 55 -1.44 -8.87 -5.06
CA CYS A 55 -0.61 -7.87 -4.36
C CYS A 55 -0.51 -8.18 -2.87
N ILE A 56 -1.54 -8.77 -2.25
CA ILE A 56 -1.41 -9.21 -0.87
C ILE A 56 -0.28 -10.23 -0.73
N ILE A 57 -0.22 -11.18 -1.68
CA ILE A 57 0.86 -12.17 -1.67
C ILE A 57 2.21 -11.46 -1.78
N LYS A 58 2.32 -10.47 -2.64
CA LYS A 58 3.54 -9.70 -2.79
C LYS A 58 3.91 -8.95 -1.52
N ILE A 59 2.92 -8.45 -0.80
CA ILE A 59 3.19 -7.71 0.44
C ILE A 59 3.70 -8.68 1.50
N VAL A 60 3.14 -9.88 1.57
CA VAL A 60 3.68 -10.91 2.45
C VAL A 60 5.13 -11.25 2.10
N GLU A 61 5.45 -11.40 0.83
CA GLU A 61 6.81 -11.65 0.36
C GLU A 61 7.74 -10.53 0.73
N PHE A 62 7.30 -9.29 0.57
CA PHE A 62 8.05 -8.12 0.97
C PHE A 62 8.33 -8.19 2.47
N ALA A 63 7.26 -8.44 3.27
CA ALA A 63 7.39 -8.48 4.71
C ALA A 63 8.46 -9.46 5.15
N LYS A 64 8.46 -10.63 4.53
CA LYS A 64 9.43 -11.67 4.96
C LYS A 64 10.85 -11.40 4.58
N ARG A 65 11.06 -10.43 3.68
CA ARG A 65 12.38 -9.92 3.39
C ARG A 65 12.84 -8.79 4.30
N LEU A 66 11.98 -8.28 5.17
CA LEU A 66 12.42 -7.21 6.07
C LEU A 66 13.25 -7.78 7.19
N PRO A 67 14.43 -7.27 7.44
CA PRO A 67 15.26 -7.84 8.52
C PRO A 67 14.51 -7.98 9.84
N GLY A 68 14.55 -9.20 10.40
CA GLY A 68 13.91 -9.54 11.66
C GLY A 68 12.48 -9.96 11.61
N PHE A 69 11.77 -9.75 10.51
CA PHE A 69 10.35 -10.04 10.52
C PHE A 69 10.06 -11.52 10.79
N THR A 70 10.81 -12.41 10.13
CA THR A 70 10.58 -13.84 10.36
C THR A 70 11.14 -14.36 11.68
N GLY A 71 11.79 -13.48 12.45
CA GLY A 71 12.18 -13.78 13.82
C GLY A 71 11.07 -13.52 14.83
N LEU A 72 10.01 -12.81 14.40
CA LEU A 72 8.80 -12.64 15.19
C LEU A 72 8.04 -13.96 15.19
N SER A 73 7.19 -14.14 16.20
CA SER A 73 6.33 -15.33 16.19
C SER A 73 5.47 -15.37 14.93
N ILE A 74 5.09 -16.55 14.45
CA ILE A 74 4.22 -16.61 13.29
C ILE A 74 2.90 -15.90 13.58
N ALA A 75 2.37 -16.01 14.78
CA ALA A 75 1.18 -15.28 15.16
C ALA A 75 1.36 -13.78 15.00
N ASP A 76 2.46 -13.22 15.52
CA ASP A 76 2.70 -11.77 15.37
C ASP A 76 2.93 -11.40 13.90
N GLN A 77 3.60 -12.20 13.09
CA GLN A 77 3.70 -11.91 11.66
C GLN A 77 2.32 -11.74 11.04
N ILE A 78 1.45 -12.68 11.33
CA ILE A 78 0.09 -12.67 10.80
C ILE A 78 -0.66 -11.47 11.38
N THR A 79 -0.59 -11.18 12.65
CA THR A 79 -1.28 -10.01 13.20
C THR A 79 -0.84 -8.72 12.53
N LEU A 80 0.49 -8.58 12.32
CA LEU A 80 1.00 -7.36 11.68
C LEU A 80 0.48 -7.25 10.24
N LEU A 81 0.53 -8.35 9.49
CA LEU A 81 0.08 -8.35 8.10
C LEU A 81 -1.40 -8.03 8.02
N LYS A 82 -2.23 -8.63 8.88
CA LYS A 82 -3.64 -8.35 8.85
C LYS A 82 -3.91 -6.88 9.16
N ALA A 83 -3.15 -6.29 10.06
CA ALA A 83 -3.40 -4.91 10.49
C ALA A 83 -2.95 -3.87 9.48
N ALA A 84 -1.94 -4.18 8.67
CA ALA A 84 -1.35 -3.22 7.79
C ALA A 84 -1.54 -3.46 6.27
N CYS A 85 -2.02 -4.62 5.89
CA CYS A 85 -2.02 -4.91 4.47
C CYS A 85 -2.88 -3.94 3.69
N LEU A 86 -4.02 -3.51 4.21
CA LEU A 86 -4.88 -2.60 3.46
C LEU A 86 -4.20 -1.24 3.37
N ASP A 87 -3.54 -0.79 4.42
CA ASP A 87 -2.75 0.43 4.35
C ASP A 87 -1.71 0.38 3.22
N ILE A 88 -0.99 -0.74 3.13
CA ILE A 88 0.08 -0.84 2.14
C ILE A 88 -0.50 -0.98 0.73
N LEU A 89 -1.60 -1.70 0.56
CA LEU A 89 -2.31 -1.74 -0.70
C LEU A 89 -2.71 -0.33 -1.15
N MET A 90 -3.30 0.44 -0.26
CA MET A 90 -3.74 1.80 -0.59
C MET A 90 -2.55 2.67 -0.97
N LEU A 91 -1.44 2.57 -0.23
CA LEU A 91 -0.25 3.34 -0.56
C LEU A 91 0.26 2.91 -1.95
N ARG A 92 0.38 1.62 -2.19
CA ARG A 92 0.89 1.09 -3.44
C ARG A 92 0.06 1.62 -4.62
N ILE A 93 -1.25 1.50 -4.59
CA ILE A 93 -2.01 1.91 -5.79
C ILE A 93 -1.92 3.42 -5.95
N CYS A 94 -1.86 4.16 -4.84
CA CYS A 94 -1.74 5.62 -4.98
C CYS A 94 -0.39 6.07 -5.52
N THR A 95 0.67 5.27 -5.34
CA THR A 95 1.95 5.56 -5.97
C THR A 95 1.92 5.27 -7.49
N ARG A 96 0.87 4.64 -7.96
CA ARG A 96 0.75 4.30 -9.39
C ARG A 96 -0.21 5.25 -10.08
N TYR A 97 -0.44 6.41 -9.48
CA TYR A 97 -1.29 7.47 -10.04
C TYR A 97 -0.59 8.30 -11.08
N THR A 98 -1.19 8.46 -12.26
CA THR A 98 -0.68 9.29 -13.35
C THR A 98 -1.58 10.52 -13.43
N PRO A 99 -1.18 11.66 -12.88
CA PRO A 99 -2.08 12.80 -12.81
C PRO A 99 -2.52 13.32 -14.18
N GLU A 100 -1.67 13.29 -15.20
CA GLU A 100 -2.06 13.87 -16.50
C GLU A 100 -3.18 13.09 -17.14
N GLN A 101 -3.35 11.83 -16.77
CA GLN A 101 -4.41 11.01 -17.34
C GLN A 101 -5.49 10.67 -16.31
N ASP A 102 -5.28 11.03 -15.05
CA ASP A 102 -6.14 10.72 -13.93
C ASP A 102 -6.46 9.23 -13.85
N THR A 103 -5.40 8.44 -13.89
CA THR A 103 -5.45 6.99 -13.89
C THR A 103 -4.64 6.36 -12.76
N MET A 104 -4.95 5.12 -12.41
CA MET A 104 -4.06 4.31 -11.58
C MET A 104 -3.72 3.03 -12.34
N THR A 105 -2.52 2.50 -12.15
CA THR A 105 -2.01 1.33 -12.83
C THR A 105 -1.66 0.21 -11.86
N PHE A 106 -2.15 -0.99 -12.18
CA PHE A 106 -1.94 -2.21 -11.42
C PHE A 106 -0.72 -2.95 -11.92
N SER A 107 -0.34 -4.01 -11.20
CA SER A 107 0.97 -4.62 -11.44
C SER A 107 1.06 -5.43 -12.72
N ASP A 108 -0.08 -5.71 -13.34
CA ASP A 108 -0.04 -6.29 -14.68
C ASP A 108 -0.11 -5.25 -15.80
N GLY A 109 -0.05 -3.98 -15.44
CA GLY A 109 -0.17 -2.89 -16.41
C GLY A 109 -1.56 -2.35 -16.59
N LEU A 110 -2.59 -3.02 -16.04
CA LEU A 110 -3.95 -2.53 -16.21
C LEU A 110 -4.02 -1.12 -15.68
N THR A 111 -4.51 -0.25 -16.55
CA THR A 111 -4.60 1.19 -16.24
C THR A 111 -6.04 1.66 -16.32
N LEU A 112 -6.59 2.01 -15.17
CA LEU A 112 -8.00 2.36 -15.07
C LEU A 112 -8.17 3.85 -14.83
N ASN A 113 -9.13 4.49 -15.50
CA ASN A 113 -9.45 5.89 -15.18
C ASN A 113 -10.24 5.96 -13.88
N ARG A 114 -10.50 7.20 -13.45
CA ARG A 114 -11.14 7.38 -12.15
C ARG A 114 -12.53 6.75 -12.09
N THR A 115 -13.31 6.91 -13.14
CA THR A 115 -14.63 6.30 -13.21
C THR A 115 -14.52 4.77 -13.14
N GLN A 116 -13.54 4.19 -13.81
CA GLN A 116 -13.35 2.73 -13.71
C GLN A 116 -12.92 2.29 -12.33
N MET A 117 -12.04 3.08 -11.67
CA MET A 117 -11.68 2.76 -10.26
C MET A 117 -12.92 2.79 -9.41
N HIS A 118 -13.77 3.80 -9.62
CA HIS A 118 -15.04 3.81 -8.89
C HIS A 118 -15.85 2.55 -9.15
N ASN A 119 -15.98 2.22 -10.43
CA ASN A 119 -16.85 1.09 -10.86
C ASN A 119 -16.28 -0.26 -10.50
N ALA A 120 -14.97 -0.34 -10.20
CA ALA A 120 -14.35 -1.61 -9.86
C ALA A 120 -14.54 -1.95 -8.37
N GLY A 121 -14.99 -0.95 -7.58
CA GLY A 121 -15.29 -1.22 -6.19
C GLY A 121 -15.09 -0.08 -5.25
N PHE A 122 -14.25 0.92 -5.61
CA PHE A 122 -14.00 2.02 -4.67
C PHE A 122 -15.31 2.75 -4.40
N GLY A 123 -16.25 2.89 -5.36
CA GLY A 123 -17.51 3.51 -4.98
C GLY A 123 -17.37 4.89 -4.40
N PRO A 124 -18.10 5.22 -3.36
CA PRO A 124 -18.06 6.57 -2.78
C PRO A 124 -16.71 6.93 -2.16
N LEU A 125 -15.76 6.01 -2.07
CA LEU A 125 -14.43 6.33 -1.56
C LEU A 125 -13.46 6.80 -2.63
N THR A 126 -13.90 6.70 -3.89
CA THR A 126 -13.00 6.97 -5.00
C THR A 126 -12.31 8.32 -4.98
N ASP A 127 -13.10 9.39 -4.86
CA ASP A 127 -12.45 10.71 -4.99
C ASP A 127 -11.54 11.05 -3.84
N LEU A 128 -11.89 10.58 -2.64
CA LEU A 128 -11.01 10.83 -1.51
C LEU A 128 -9.69 10.07 -1.69
N VAL A 129 -9.72 8.83 -2.19
CA VAL A 129 -8.44 8.16 -2.45
C VAL A 129 -7.61 8.82 -3.54
N PHE A 130 -8.22 9.26 -4.63
CA PHE A 130 -7.51 10.04 -5.63
C PHE A 130 -6.98 11.33 -5.05
N ALA A 131 -7.68 11.99 -4.13
CA ALA A 131 -7.11 13.21 -3.53
C ALA A 131 -5.89 12.88 -2.69
N PHE A 132 -5.92 11.76 -1.95
CA PHE A 132 -4.73 11.33 -1.21
C PHE A 132 -3.57 11.10 -2.17
N ALA A 133 -3.85 10.39 -3.27
CA ALA A 133 -2.81 10.16 -4.29
C ALA A 133 -2.24 11.46 -4.80
N GLY A 134 -3.14 12.42 -5.05
CA GLY A 134 -2.71 13.72 -5.54
C GLY A 134 -1.78 14.42 -4.56
N GLN A 135 -2.09 14.29 -3.28
CA GLN A 135 -1.28 14.95 -2.27
C GLN A 135 -0.03 14.20 -1.85
N LEU A 136 0.13 12.98 -2.37
CA LEU A 136 1.41 12.28 -2.27
C LEU A 136 2.39 12.85 -3.27
N LEU A 137 1.91 13.31 -4.42
CA LEU A 137 2.84 13.80 -5.43
C LEU A 137 3.82 14.86 -5.00
N PRO A 138 3.46 15.92 -4.29
CA PRO A 138 4.47 16.93 -3.95
C PRO A 138 5.61 16.36 -3.09
N LEU A 139 5.38 15.21 -2.45
CA LEU A 139 6.50 14.64 -1.69
C LEU A 139 7.55 14.05 -2.63
N GLU A 140 7.26 13.70 -3.85
CA GLU A 140 8.20 13.16 -4.85
C GLU A 140 8.99 12.02 -4.24
N MET A 141 8.27 11.14 -3.51
CA MET A 141 9.00 10.01 -2.92
C MET A 141 9.56 9.08 -4.00
N ASP A 142 10.68 8.47 -3.69
CA ASP A 142 11.26 7.49 -4.59
C ASP A 142 10.91 6.10 -4.07
N ASP A 143 11.37 5.08 -4.80
CA ASP A 143 10.94 3.72 -4.43
C ASP A 143 11.53 3.25 -3.11
N THR A 144 12.78 3.70 -2.83
CA THR A 144 13.33 3.40 -1.50
C THR A 144 12.51 4.00 -0.38
N GLU A 145 12.10 5.26 -0.50
CA GLU A 145 11.25 5.87 0.55
C GLU A 145 9.91 5.17 0.65
N THR A 146 9.26 4.82 -0.48
CA THR A 146 7.99 4.13 -0.41
C THR A 146 8.16 2.78 0.27
N GLY A 147 9.27 2.10 -0.05
CA GLY A 147 9.51 0.84 0.59
C GLY A 147 9.72 0.95 2.10
N LEU A 148 10.57 1.91 2.51
CA LEU A 148 10.77 2.11 3.92
C LEU A 148 9.50 2.52 4.66
N LEU A 149 8.71 3.44 4.07
CA LEU A 149 7.46 3.86 4.70
C LEU A 149 6.52 2.67 4.85
N SER A 150 6.46 1.81 3.83
CA SER A 150 5.63 0.61 3.90
C SER A 150 6.07 -0.30 5.04
N ALA A 151 7.39 -0.47 5.17
CA ALA A 151 7.94 -1.28 6.26
C ALA A 151 7.56 -0.72 7.64
N ILE A 152 7.62 0.61 7.78
CA ILE A 152 7.26 1.29 9.02
C ILE A 152 5.81 1.11 9.38
N CYS A 153 4.95 1.17 8.34
CA CYS A 153 3.53 0.92 8.52
C CYS A 153 3.25 -0.50 9.03
N LEU A 154 3.99 -1.46 8.46
CA LEU A 154 3.81 -2.85 8.82
C LEU A 154 4.35 -3.21 10.20
N ILE A 155 5.59 -2.79 10.44
CA ILE A 155 6.32 -3.15 11.67
C ILE A 155 6.05 -2.09 12.72
N CYS A 156 4.89 -2.28 13.39
CA CYS A 156 4.42 -1.30 14.39
C CYS A 156 3.86 -2.05 15.60
N GLY A 157 4.41 -1.65 16.72
CA GLY A 157 4.12 -2.33 17.97
C GLY A 157 2.84 -1.96 18.68
N ASP A 158 2.05 -1.06 18.08
CA ASP A 158 0.77 -0.68 18.68
C ASP A 158 -0.38 -1.60 18.31
N ARG A 159 -0.13 -2.55 17.42
CA ARG A 159 -1.22 -3.37 16.91
C ARG A 159 -1.78 -4.22 18.05
N MET A 160 -3.09 -4.27 18.12
CA MET A 160 -3.76 -5.12 19.10
C MET A 160 -3.42 -6.59 18.91
N ASP A 161 -3.25 -7.28 20.03
CA ASP A 161 -3.05 -8.71 20.09
C ASP A 161 -1.66 -9.19 19.72
N LEU A 162 -0.70 -8.28 19.66
CA LEU A 162 0.68 -8.73 19.52
C LEU A 162 1.13 -9.43 20.79
N GLU A 163 1.88 -10.49 20.60
CA GLU A 163 2.51 -11.24 21.68
C GLU A 163 3.75 -10.54 22.22
N GLU A 164 4.53 -9.97 21.33
CA GLU A 164 5.80 -9.37 21.69
C GLU A 164 5.95 -7.98 21.09
N PRO A 165 5.12 -7.06 21.59
CA PRO A 165 5.11 -5.73 20.99
C PRO A 165 6.44 -5.01 21.17
N GLU A 166 7.16 -5.22 22.26
CA GLU A 166 8.46 -4.56 22.44
C GLU A 166 9.46 -5.04 21.41
N LYS A 167 9.40 -6.32 21.03
CA LYS A 167 10.27 -6.79 19.97
C LYS A 167 9.94 -6.12 18.65
N VAL A 168 8.67 -5.92 18.33
CA VAL A 168 8.22 -5.25 17.11
C VAL A 168 8.69 -3.80 17.14
N ASP A 169 8.55 -3.10 18.27
CA ASP A 169 9.07 -1.75 18.39
C ASP A 169 10.56 -1.68 18.07
N LYS A 170 11.29 -2.66 18.59
CA LYS A 170 12.75 -2.60 18.36
C LYS A 170 13.12 -2.86 16.92
N LEU A 171 12.30 -3.63 16.22
CA LEU A 171 12.52 -3.79 14.78
C LEU A 171 12.17 -2.55 13.96
N GLN A 172 11.20 -1.77 14.43
CA GLN A 172 10.81 -0.54 13.71
C GLN A 172 11.86 0.54 13.84
N GLU A 173 12.60 0.58 14.96
CA GLU A 173 13.51 1.68 15.20
C GLU A 173 14.49 1.89 14.07
N PRO A 174 15.22 0.91 13.61
CA PRO A 174 16.17 1.20 12.50
C PRO A 174 15.50 1.57 11.20
N LEU A 175 14.27 1.13 10.95
CA LEU A 175 13.55 1.58 9.75
C LEU A 175 13.29 3.07 9.76
N LEU A 176 12.87 3.57 10.94
CA LEU A 176 12.66 5.00 11.11
C LEU A 176 13.96 5.80 10.91
N GLU A 177 15.03 5.32 11.54
CA GLU A 177 16.33 5.92 11.38
C GLU A 177 16.77 5.95 9.91
N ALA A 178 16.57 4.79 9.26
CA ALA A 178 16.96 4.67 7.87
C ALA A 178 16.18 5.65 6.98
N LEU A 179 14.87 5.78 7.16
CA LEU A 179 14.12 6.69 6.32
C LEU A 179 14.55 8.13 6.51
N ARG A 180 14.74 8.56 7.77
CA ARG A 180 15.18 9.94 7.98
C ARG A 180 16.55 10.18 7.35
N LEU A 181 17.51 9.27 7.54
CA LEU A 181 18.86 9.42 6.96
C LEU A 181 18.77 9.53 5.46
N TYR A 182 18.00 8.61 4.86
CA TYR A 182 17.90 8.55 3.40
C TYR A 182 17.27 9.83 2.85
N ALA A 183 16.15 10.21 3.47
CA ALA A 183 15.34 11.31 2.94
C ALA A 183 16.11 12.62 3.02
N ARG A 184 16.81 12.83 4.15
CA ARG A 184 17.55 14.08 4.28
C ARG A 184 18.75 14.12 3.35
N ARG A 185 19.37 12.98 3.12
CA ARG A 185 20.57 12.89 2.27
C ARG A 185 20.14 13.22 0.84
N ARG A 186 18.98 12.69 0.46
CA ARG A 186 18.56 12.84 -0.93
C ARG A 186 18.13 14.28 -1.20
N ARG A 187 17.45 14.91 -0.24
CA ARG A 187 16.93 16.27 -0.42
C ARG A 187 17.21 17.13 0.80
N PRO A 188 18.48 17.51 0.94
CA PRO A 188 18.87 18.22 2.14
C PRO A 188 18.22 19.59 2.31
N SER A 189 17.77 20.20 1.21
CA SER A 189 17.12 21.51 1.34
C SER A 189 15.63 21.43 1.66
N GLN A 190 15.06 20.24 1.86
CA GLN A 190 13.67 20.04 2.25
C GLN A 190 13.55 19.21 3.51
N PRO A 191 13.93 19.80 4.64
CA PRO A 191 13.98 19.00 5.87
C PRO A 191 12.62 18.61 6.42
N TYR A 192 11.51 19.10 5.90
CA TYR A 192 10.21 18.64 6.39
C TYR A 192 9.72 17.37 5.70
N MET A 193 10.54 16.85 4.78
CA MET A 193 10.08 15.67 4.06
C MET A 193 9.87 14.45 4.96
N PHE A 194 10.82 14.15 5.86
CA PHE A 194 10.65 13.00 6.75
C PHE A 194 9.42 13.16 7.62
N PRO A 195 9.19 14.26 8.34
CA PRO A 195 7.94 14.32 9.12
C PRO A 195 6.69 14.30 8.25
N ARG A 196 6.72 14.88 7.05
CA ARG A 196 5.54 14.81 6.19
C ARG A 196 5.28 13.37 5.81
N MET A 197 6.31 12.61 5.49
CA MET A 197 6.12 11.19 5.19
C MET A 197 5.49 10.42 6.33
N LEU A 198 5.99 10.63 7.53
CA LEU A 198 5.43 9.91 8.68
C LEU A 198 3.97 10.29 8.91
N MET A 199 3.62 11.55 8.72
CA MET A 199 2.21 11.91 8.89
C MET A 199 1.31 11.28 7.86
N LYS A 200 1.85 10.87 6.71
CA LYS A 200 1.03 10.16 5.74
C LYS A 200 0.57 8.81 6.28
N ILE A 201 1.26 8.28 7.26
CA ILE A 201 0.80 6.99 7.80
C ILE A 201 -0.56 7.12 8.47
N THR A 202 -0.75 8.20 9.17
CA THR A 202 -2.05 8.51 9.79
C THR A 202 -3.14 8.66 8.75
N ASP A 203 -2.82 9.36 7.66
CA ASP A 203 -3.77 9.50 6.56
C ASP A 203 -4.14 8.15 5.96
N LEU A 204 -3.11 7.32 5.74
CA LEU A 204 -3.34 5.98 5.20
C LEU A 204 -4.24 5.15 6.10
N ARG A 205 -4.01 5.27 7.41
CA ARG A 205 -4.88 4.51 8.33
C ARG A 205 -6.32 5.00 8.18
N GLY A 206 -6.54 6.30 8.03
CA GLY A 206 -7.89 6.78 7.84
C GLY A 206 -8.49 6.27 6.56
N ILE A 207 -7.71 6.21 5.48
CA ILE A 207 -8.21 5.68 4.19
C ILE A 207 -8.49 4.19 4.27
N SER A 208 -7.59 3.45 4.98
CA SER A 208 -7.88 2.01 5.15
C SER A 208 -9.10 1.75 6.02
N THR A 209 -9.33 2.56 7.08
CA THR A 209 -10.57 2.42 7.84
C THR A 209 -11.76 2.63 6.92
N LYS A 210 -11.72 3.66 6.06
CA LYS A 210 -12.82 3.89 5.12
C LYS A 210 -12.94 2.75 4.12
N GLY A 211 -11.81 2.19 3.71
CA GLY A 211 -11.85 1.05 2.82
C GLY A 211 -12.49 -0.20 3.42
N ALA A 212 -12.23 -0.45 4.69
CA ALA A 212 -12.89 -1.55 5.41
C ALA A 212 -14.39 -1.26 5.48
N GLU A 213 -14.81 -0.01 5.63
CA GLU A 213 -16.24 0.32 5.66
C GLU A 213 -16.83 0.07 4.28
N ARG A 214 -16.09 0.46 3.24
CA ARG A 214 -16.52 0.17 1.88
C ARG A 214 -16.65 -1.32 1.63
N ALA A 215 -15.76 -2.15 2.12
CA ALA A 215 -15.84 -3.60 1.95
C ALA A 215 -17.19 -4.13 2.44
N ILE A 216 -17.69 -3.59 3.54
CA ILE A 216 -18.97 -4.05 4.09
C ILE A 216 -20.09 -3.76 3.13
N THR A 217 -20.13 -2.56 2.57
CA THR A 217 -21.23 -2.31 1.61
C THR A 217 -21.04 -3.05 0.30
N LEU A 218 -19.79 -3.18 -0.19
CA LEU A 218 -19.53 -3.90 -1.44
C LEU A 218 -19.97 -5.34 -1.34
N LYS A 219 -19.83 -5.94 -0.15
CA LYS A 219 -20.20 -7.34 0.02
C LYS A 219 -21.65 -7.56 -0.40
N MET A 220 -22.49 -6.55 -0.16
CA MET A 220 -23.90 -6.68 -0.52
C MET A 220 -24.13 -6.56 -2.01
N GLU A 221 -23.18 -6.02 -2.75
CA GLU A 221 -23.32 -5.71 -4.16
C GLU A 221 -22.72 -6.79 -5.04
N ILE A 222 -21.90 -7.69 -4.49
CA ILE A 222 -21.28 -8.73 -5.31
C ILE A 222 -21.99 -10.05 -5.09
N PRO A 223 -22.05 -10.86 -6.12
CA PRO A 223 -22.80 -12.12 -6.01
C PRO A 223 -22.14 -13.15 -5.14
N GLY A 224 -20.83 -13.13 -4.90
CA GLY A 224 -20.42 -14.17 -3.95
C GLY A 224 -19.49 -13.55 -2.93
N PRO A 225 -18.72 -14.36 -2.23
CA PRO A 225 -17.83 -13.81 -1.22
C PRO A 225 -16.61 -13.18 -1.85
N MET A 226 -16.03 -12.29 -1.04
CA MET A 226 -14.75 -11.79 -1.48
C MET A 226 -13.72 -12.90 -1.48
N PRO A 227 -12.66 -12.70 -2.27
CA PRO A 227 -11.55 -13.67 -2.27
C PRO A 227 -10.99 -13.90 -0.87
N PRO A 228 -10.57 -15.14 -0.62
CA PRO A 228 -10.18 -15.55 0.73
C PRO A 228 -9.03 -14.74 1.33
N LEU A 229 -8.00 -14.37 0.58
CA LEU A 229 -6.97 -13.57 1.22
C LEU A 229 -7.46 -12.16 1.52
N ILE A 230 -8.41 -11.63 0.76
CA ILE A 230 -9.04 -10.35 1.13
C ILE A 230 -9.83 -10.50 2.42
N ARG A 231 -10.55 -11.62 2.57
CA ARG A 231 -11.28 -11.82 3.83
C ARG A 231 -10.32 -11.94 5.01
N GLU A 232 -9.16 -12.59 4.81
CA GLU A 232 -8.15 -12.63 5.86
C GLU A 232 -7.74 -11.25 6.30
N MET A 233 -7.54 -10.36 5.36
CA MET A 233 -7.10 -9.01 5.63
C MET A 233 -8.13 -8.23 6.40
N LEU A 234 -9.40 -8.47 6.10
CA LEU A 234 -10.50 -7.70 6.66
C LEU A 234 -10.94 -8.17 8.02
N GLU A 235 -10.53 -9.39 8.39
CA GLU A 235 -10.83 -9.83 9.74
C GLU A 235 -9.78 -9.24 10.68
C1 184 B . -1.21 -4.14 -7.70
C2 184 B . -2.17 -3.54 -6.80
C3 184 B . -1.67 -2.53 -5.93
C4 184 B . -2.53 -1.91 -5.02
C5 184 B . -3.92 -2.24 -4.96
C10 184 B . -4.40 -3.23 -5.83
C11 184 B . -3.51 -3.86 -6.73
C15 184 B . -10.47 -2.09 -1.73
C16 184 B . -11.81 -1.39 -1.64
C17 184 B . -12.78 -2.22 -0.79
C18 184 B . -12.72 -3.68 -0.98
C19 184 B . -11.37 -4.27 -0.69
C20 184 B . -10.28 -3.41 -1.30
C23 184 B . -12.33 -1.12 -3.05
C24 184 B . -11.73 -0.07 -0.88
C25 184 B . -11.45 -5.60 -1.43
C26 184 B . -11.03 -4.59 0.79
O1 184 B . -0.04 -4.11 -7.55
O2 184 B . -1.75 -4.73 -8.73
C6 184 B . -4.79 -1.60 -4.05
C7 184 B . -6.14 -1.92 -4.00
C8 184 B . -6.61 -2.92 -4.87
C9 184 B . -5.76 -3.57 -5.79
C13 184 B . -8.14 -2.05 -2.36
C14 184 B . -9.37 -1.41 -2.28
C21 184 B . -9.03 -4.00 -1.41
C22 184 B . -7.97 -3.35 -1.93
C12 184 B . -7.08 -1.16 -2.98
O3 184 B . -6.21 -0.50 -2.06
C1B LMU C . 3.98 -17.22 -5.99
C2B LMU C . 5.12 -16.18 -6.02
C3B LMU C . 4.55 -14.75 -6.05
C4B LMU C . 3.63 -14.72 -7.26
C5B LMU C . 2.49 -15.73 -7.10
C6B LMU C . 1.49 -15.71 -8.26
O1B LMU C . 3.24 -17.26 -4.79
O2B LMU C . 6.08 -16.34 -4.99
O3B LMU C . 5.58 -13.77 -6.07
O4' LMU C . 3.14 -13.45 -7.48
O5B LMU C . 3.07 -17.02 -7.05
O6B LMU C . 0.20 -15.39 -7.78
C1' LMU C . 3.01 -19.80 -1.61
C2' LMU C . 4.41 -19.81 -2.28
C3' LMU C . 4.41 -18.62 -3.23
C4' LMU C . 3.17 -18.52 -4.14
C5' LMU C . 1.86 -18.70 -3.37
C6' LMU C . 0.58 -18.80 -4.20
O1' LMU C . 3.07 -18.67 -0.79
O2' LMU C . 5.34 -19.64 -1.19
O3' LMU C . 5.64 -18.54 -3.91
O5' LMU C . 1.97 -19.85 -2.56
O6' LMU C . 0.51 -20.02 -4.95
C1 LMU C . 2.39 -18.85 0.42
C2 LMU C . 1.67 -17.52 0.68
C3 LMU C . 1.48 -17.18 2.14
C4 LMU C . 0.51 -16.00 2.22
C5 LMU C . -0.45 -16.14 3.37
C6 LMU C . -1.09 -14.83 3.76
C7 LMU C . -1.58 -14.89 5.19
C8 LMU C . -1.21 -13.66 6.03
C9 LMU C . -2.46 -12.83 6.27
C10 LMU C . -2.95 -12.27 4.95
C11 LMU C . -3.85 -11.07 5.25
C12 LMU C . -3.14 -9.81 4.84
#